data_5KS7
#
_entry.id   5KS7
#
_cell.length_a   52.342
_cell.length_b   43.861
_cell.length_c   68.841
_cell.angle_alpha   90.00
_cell.angle_beta   94.94
_cell.angle_gamma   90.00
#
_symmetry.space_group_name_H-M   'P 1 21 1'
#
loop_
_entity.id
_entity.type
_entity.pdbx_description
1 polymer 'Carnitine transport ATP-binding protein OpuCA'
2 non-polymer "(2R,3R,3aS,5R,7aR,9R,10R,10aS,12R,14aR)-2,9-bis(6-amino-9H-purin-9-yl)octahydro-2H,7H-difuro[3,2-d:3',2'-j][1,3,7,9,2,8 ]tetraoxadiphosphacyclododecine-3,5,10,12-tetrol 5,12-dioxide"
#
_entity_poly.entity_id   1
_entity_poly.type   'polypeptide(L)'
_entity_poly.pdbx_seq_one_letter_code
;DVTQVAQIMNTNPVSITADKSLQAAITVMKEKRVDTLLVVDEGNVLKGFIDVEQIDLNRRTATSVMDIIEKNVFYVYEDT
LLRDTVQRILKRGYKYIPVVDKDKRLVGIVTRASLVDIVYDSIWGT
;
_entity_poly.pdbx_strand_id   A,B
#
# COMPACT_ATOMS: atom_id res chain seq x y z
N ASP A 1 -14.81 -20.24 4.59
CA ASP A 1 -14.15 -21.41 5.30
C ASP A 1 -12.91 -21.96 4.52
N VAL A 2 -13.18 -22.72 3.45
CA VAL A 2 -12.23 -23.67 2.84
C VAL A 2 -11.54 -23.16 1.57
N THR A 3 -11.77 -21.89 1.25
CA THR A 3 -11.07 -21.23 0.16
C THR A 3 -9.57 -21.01 0.52
N GLN A 4 -8.71 -21.16 -0.49
CA GLN A 4 -7.26 -21.04 -0.33
C GLN A 4 -6.73 -19.65 -0.68
N VAL A 5 -5.43 -19.44 -0.48
CA VAL A 5 -4.82 -18.16 -0.82
C VAL A 5 -4.65 -18.08 -2.31
N ALA A 6 -4.24 -19.19 -2.92
CA ALA A 6 -3.87 -19.15 -4.34
C ALA A 6 -4.99 -18.54 -5.17
N GLN A 7 -6.21 -19.02 -4.96
CA GLN A 7 -7.38 -18.44 -5.64
C GLN A 7 -7.27 -16.90 -5.79
N ILE A 8 -7.00 -16.18 -4.69
CA ILE A 8 -7.09 -14.72 -4.71
C ILE A 8 -5.77 -13.94 -4.90
N MET A 9 -4.68 -14.45 -4.34
CA MET A 9 -3.40 -13.75 -4.40
C MET A 9 -3.22 -13.06 -5.76
N ASN A 10 -2.63 -11.86 -5.75
CA ASN A 10 -2.24 -11.18 -7.01
C ASN A 10 -0.89 -11.72 -7.51
N THR A 11 -0.92 -12.29 -8.73
CA THR A 11 0.17 -13.13 -9.26
C THR A 11 1.39 -12.36 -9.82
N ASN A 12 1.42 -11.03 -9.67
CA ASN A 12 2.62 -10.25 -10.04
C ASN A 12 3.24 -9.49 -8.83
N PRO A 13 4.02 -10.20 -7.99
CA PRO A 13 4.79 -9.54 -6.93
C PRO A 13 6.13 -9.12 -7.42
N VAL A 14 6.61 -7.99 -6.94
CA VAL A 14 7.85 -7.44 -7.46
C VAL A 14 9.09 -8.08 -6.79
N SER A 15 9.92 -8.73 -7.61
CA SER A 15 11.14 -9.42 -7.13
C SER A 15 12.34 -8.62 -7.52
N ILE A 16 13.44 -8.92 -6.87
CA ILE A 16 14.74 -8.58 -7.40
C ILE A 16 15.68 -9.66 -6.89
N THR A 17 16.83 -9.82 -7.54
CA THR A 17 17.80 -10.79 -7.06
C THR A 17 18.93 -10.05 -6.28
N ALA A 18 19.73 -10.82 -5.54
CA ALA A 18 20.71 -10.28 -4.57
C ALA A 18 21.92 -9.60 -5.19
N ASP A 19 22.21 -9.88 -6.45
CA ASP A 19 23.30 -9.18 -7.20
C ASP A 19 23.00 -7.69 -7.48
N LYS A 20 21.74 -7.40 -7.77
CA LYS A 20 21.35 -6.10 -8.29
C LYS A 20 21.77 -5.02 -7.30
N SER A 21 22.00 -3.83 -7.82
CA SER A 21 22.52 -2.71 -7.02
C SER A 21 21.36 -2.00 -6.36
N LEU A 22 21.63 -1.03 -5.49
CA LEU A 22 20.53 -0.24 -4.87
C LEU A 22 19.93 0.70 -5.91
N GLN A 23 20.78 1.16 -6.82
CA GLN A 23 20.38 2.01 -7.94
C GLN A 23 19.41 1.21 -8.79
N ALA A 24 19.76 -0.05 -9.02
CA ALA A 24 18.88 -0.99 -9.75
C ALA A 24 17.56 -1.26 -9.05
N ALA A 25 17.59 -1.37 -7.72
CA ALA A 25 16.43 -1.77 -6.93
C ALA A 25 15.33 -0.68 -6.85
N ILE A 26 15.73 0.47 -6.36
CA ILE A 26 14.85 1.62 -6.25
C ILE A 26 14.26 1.98 -7.60
N THR A 27 15.02 1.71 -8.68
CA THR A 27 14.49 1.84 -10.05
C THR A 27 13.26 0.94 -10.21
N VAL A 28 13.42 -0.36 -9.97
CA VAL A 28 12.27 -1.28 -10.01
C VAL A 28 11.15 -0.80 -9.06
N MET A 29 11.51 -0.40 -7.84
CA MET A 29 10.49 0.05 -6.90
C MET A 29 9.70 1.22 -7.46
N LYS A 30 10.38 2.20 -8.01
CA LYS A 30 9.68 3.38 -8.50
C LYS A 30 8.75 3.00 -9.65
N GLU A 31 9.30 2.46 -10.73
CA GLU A 31 8.50 1.90 -11.83
C GLU A 31 7.21 1.27 -11.31
N LYS A 32 7.35 0.32 -10.40
CA LYS A 32 6.26 -0.55 -10.01
C LYS A 32 5.36 0.04 -8.96
N ARG A 33 5.80 1.17 -8.37
CA ARG A 33 5.09 1.82 -7.28
C ARG A 33 4.98 0.89 -6.07
N VAL A 34 6.11 0.51 -5.49
CA VAL A 34 6.13 -0.35 -4.30
C VAL A 34 7.22 0.06 -3.31
N ASP A 35 6.91 0.02 -2.01
CA ASP A 35 7.90 0.35 -0.94
C ASP A 35 8.93 -0.79 -0.63
N THR A 36 8.65 -2.02 -1.08
CA THR A 36 9.54 -3.15 -0.78
C THR A 36 9.76 -4.05 -2.01
N LEU A 37 10.95 -4.65 -2.08
CA LEU A 37 11.23 -5.64 -3.06
C LEU A 37 11.42 -6.98 -2.35
N LEU A 38 10.81 -8.00 -2.94
CA LEU A 38 10.98 -9.38 -2.52
C LEU A 38 12.14 -10.01 -3.25
N VAL A 39 12.86 -10.86 -2.53
CA VAL A 39 14.17 -11.34 -2.96
C VAL A 39 14.20 -12.84 -3.25
N VAL A 40 14.66 -13.13 -4.46
CA VAL A 40 14.39 -14.37 -5.08
C VAL A 40 15.75 -14.69 -5.72
N ASP A 41 16.06 -15.96 -5.86
CA ASP A 41 17.35 -16.37 -6.43
C ASP A 41 17.18 -16.77 -7.88
N GLU A 42 18.26 -17.27 -8.49
CA GLU A 42 18.26 -17.66 -9.91
C GLU A 42 16.97 -18.42 -10.28
N GLY A 43 16.59 -19.36 -9.41
CA GLY A 43 15.44 -20.23 -9.65
C GLY A 43 14.15 -19.77 -9.00
N ASN A 44 14.13 -18.54 -8.49
CA ASN A 44 12.89 -17.87 -8.08
C ASN A 44 12.44 -18.30 -6.69
N VAL A 45 13.37 -18.78 -5.88
CA VAL A 45 13.08 -19.19 -4.49
C VAL A 45 13.16 -18.00 -3.56
N LEU A 46 12.13 -17.79 -2.74
CA LEU A 46 12.09 -16.61 -1.86
C LEU A 46 13.17 -16.62 -0.76
N LYS A 47 13.86 -15.50 -0.63
CA LYS A 47 15.00 -15.41 0.26
C LYS A 47 14.86 -14.39 1.37
N GLY A 48 14.07 -13.35 1.14
CA GLY A 48 14.11 -12.16 1.99
C GLY A 48 13.33 -10.99 1.40
N PHE A 49 13.61 -9.79 1.91
CA PHE A 49 13.06 -8.57 1.33
C PHE A 49 13.87 -7.34 1.74
N ILE A 50 13.77 -6.31 0.91
CA ILE A 50 14.42 -5.02 1.17
C ILE A 50 13.37 -3.92 1.15
N ASP A 51 13.65 -2.84 1.90
CA ASP A 51 12.81 -1.65 2.06
C ASP A 51 13.40 -0.40 1.44
N VAL A 52 12.52 0.56 1.11
CA VAL A 52 12.86 2.00 0.99
C VAL A 52 13.70 2.52 2.15
N GLU A 53 13.21 2.21 3.35
CA GLU A 53 13.87 2.48 4.60
C GLU A 53 15.38 2.16 4.54
N GLN A 54 15.68 0.89 4.29
CA GLN A 54 17.02 0.36 4.47
C GLN A 54 17.86 0.85 3.32
N ILE A 55 17.28 0.85 2.14
CA ILE A 55 17.90 1.50 1.02
C ILE A 55 18.27 2.93 1.42
N ASP A 56 17.36 3.65 2.07
CA ASP A 56 17.67 5.01 2.44
C ASP A 56 18.75 5.10 3.50
N LEU A 57 18.76 4.19 4.47
CA LEU A 57 19.72 4.28 5.55
C LEU A 57 21.13 3.93 5.09
N ASN A 58 21.26 2.84 4.36
CA ASN A 58 22.57 2.28 4.05
C ASN A 58 23.17 2.73 2.70
N ARG A 59 22.46 3.59 1.98
CA ARG A 59 22.96 4.21 0.74
C ARG A 59 24.48 4.39 0.63
N ARG A 60 25.10 5.02 1.61
CA ARG A 60 26.50 5.46 1.47
C ARG A 60 27.45 4.26 1.46
N THR A 61 27.21 3.31 2.38
CA THR A 61 28.07 2.13 2.52
C THR A 61 27.34 0.83 2.17
N ALA A 62 26.73 0.77 0.98
CA ALA A 62 26.01 -0.44 0.52
C ALA A 62 25.79 -0.40 -0.99
N THR A 63 26.45 -1.30 -1.72
CA THR A 63 26.41 -1.28 -3.17
C THR A 63 25.36 -2.21 -3.71
N SER A 64 25.21 -3.38 -3.09
CA SER A 64 24.34 -4.49 -3.58
C SER A 64 23.05 -4.66 -2.75
N VAL A 65 22.05 -5.34 -3.33
CA VAL A 65 20.77 -5.66 -2.63
C VAL A 65 20.95 -6.59 -1.41
N MET A 66 21.93 -7.49 -1.52
CA MET A 66 22.31 -8.43 -0.47
C MET A 66 22.82 -7.70 0.76
N ASP A 67 23.47 -6.55 0.58
CA ASP A 67 24.08 -5.87 1.73
C ASP A 67 23.03 -5.57 2.82
N ILE A 68 21.75 -5.45 2.44
CA ILE A 68 20.69 -4.96 3.35
C ILE A 68 19.42 -5.84 3.32
N ILE A 69 19.57 -7.08 2.90
CA ILE A 69 18.44 -8.01 2.82
C ILE A 69 17.96 -8.35 4.22
N GLU A 70 16.66 -8.59 4.35
CA GLU A 70 16.06 -9.10 5.57
C GLU A 70 15.58 -10.53 5.31
N LYS A 71 16.36 -11.49 5.79
CA LYS A 71 16.13 -12.93 5.50
C LYS A 71 14.86 -13.49 6.18
N ASN A 72 14.42 -12.85 7.26
CA ASN A 72 13.28 -13.35 8.03
C ASN A 72 11.93 -12.84 7.50
N VAL A 73 11.38 -13.55 6.51
CA VAL A 73 10.16 -13.12 5.83
C VAL A 73 8.96 -13.90 6.30
N PHE A 74 7.86 -13.26 6.70
CA PHE A 74 6.69 -14.10 6.86
C PHE A 74 6.17 -14.43 5.51
N TYR A 75 5.94 -15.71 5.28
CA TYR A 75 5.41 -16.19 4.02
C TYR A 75 4.46 -17.36 4.29
N VAL A 76 3.83 -17.84 3.24
CA VAL A 76 2.74 -18.78 3.35
C VAL A 76 2.67 -19.55 2.02
N TYR A 77 2.14 -20.77 2.05
CA TYR A 77 2.13 -21.63 0.88
C TYR A 77 0.86 -21.41 0.13
N GLU A 78 0.88 -21.76 -1.14
CA GLU A 78 -0.25 -21.67 -2.03
C GLU A 78 -1.57 -22.18 -1.46
N ASP A 79 -1.54 -23.27 -0.71
CA ASP A 79 -2.78 -23.97 -0.29
C ASP A 79 -3.19 -23.73 1.20
N THR A 80 -2.43 -22.91 1.91
CA THR A 80 -2.89 -22.32 3.17
C THR A 80 -4.31 -21.76 2.96
N LEU A 81 -5.17 -21.92 3.97
CA LEU A 81 -6.50 -21.27 3.98
C LEU A 81 -6.39 -19.75 4.00
N LEU A 82 -7.05 -19.10 3.06
CA LEU A 82 -7.07 -17.64 3.04
C LEU A 82 -7.33 -17.08 4.44
N ARG A 83 -8.40 -17.53 5.09
CA ARG A 83 -8.85 -16.96 6.37
C ARG A 83 -7.70 -16.60 7.34
N ASP A 84 -6.73 -17.49 7.46
CA ASP A 84 -5.63 -17.29 8.40
C ASP A 84 -4.72 -16.15 7.92
N THR A 85 -4.35 -16.18 6.64
CA THR A 85 -3.41 -15.17 6.15
C THR A 85 -4.06 -13.81 6.16
N VAL A 86 -5.34 -13.73 5.79
CA VAL A 86 -6.12 -12.48 5.87
C VAL A 86 -6.19 -11.96 7.31
N GLN A 87 -6.43 -12.85 8.26
CA GLN A 87 -6.60 -12.40 9.65
C GLN A 87 -5.30 -11.81 10.19
N ARG A 88 -4.17 -12.27 9.62
CA ARG A 88 -2.82 -11.76 9.92
C ARG A 88 -2.56 -10.31 9.48
N ILE A 89 -2.92 -10.00 8.24
CA ILE A 89 -2.77 -8.64 7.71
C ILE A 89 -3.63 -7.69 8.54
N LEU A 90 -4.88 -8.10 8.79
CA LEU A 90 -5.85 -7.23 9.44
C LEU A 90 -5.47 -6.85 10.86
N LYS A 91 -5.31 -7.84 11.73
CA LYS A 91 -5.18 -7.59 13.16
C LYS A 91 -3.78 -7.87 13.72
N ARG A 92 -2.88 -8.38 12.88
CA ARG A 92 -1.48 -8.57 13.30
C ARG A 92 -0.53 -7.64 12.52
N GLY A 93 -1.11 -6.71 11.75
CA GLY A 93 -0.38 -5.58 11.20
C GLY A 93 0.70 -5.87 10.16
N TYR A 94 0.66 -7.06 9.57
CA TYR A 94 1.54 -7.41 8.43
C TYR A 94 1.10 -6.56 7.25
N LYS A 95 2.04 -5.98 6.51
CA LYS A 95 1.69 -5.06 5.41
C LYS A 95 1.19 -5.79 4.18
N TYR A 96 1.67 -7.02 3.97
CA TYR A 96 1.19 -7.90 2.91
C TYR A 96 1.85 -9.23 3.17
N ILE A 97 1.48 -10.27 2.42
CA ILE A 97 1.96 -11.62 2.70
C ILE A 97 2.30 -12.39 1.42
N PRO A 98 3.61 -12.67 1.25
CA PRO A 98 4.15 -13.47 0.13
C PRO A 98 3.77 -14.96 0.13
N VAL A 99 3.31 -15.43 -1.02
CA VAL A 99 2.89 -16.80 -1.20
C VAL A 99 3.82 -17.54 -2.14
N VAL A 100 4.24 -18.69 -1.67
CA VAL A 100 5.20 -19.51 -2.35
C VAL A 100 4.52 -20.80 -2.70
N ASP A 101 5.03 -21.53 -3.70
CA ASP A 101 4.68 -22.93 -3.87
C ASP A 101 5.54 -23.78 -2.92
N LYS A 102 5.35 -25.10 -2.97
CA LYS A 102 5.96 -26.04 -1.99
C LYS A 102 7.49 -26.16 -2.09
N ASP A 103 8.07 -25.57 -3.14
CA ASP A 103 9.51 -25.38 -3.26
C ASP A 103 9.96 -23.97 -2.85
N LYS A 104 9.14 -23.29 -2.07
CA LYS A 104 9.47 -21.94 -1.63
C LYS A 104 9.79 -21.03 -2.86
N ARG A 105 8.95 -21.14 -3.91
CA ARG A 105 9.04 -20.25 -5.08
C ARG A 105 7.97 -19.19 -5.04
N LEU A 106 8.37 -17.93 -5.17
CA LEU A 106 7.43 -16.85 -5.20
C LEU A 106 6.51 -17.03 -6.39
N VAL A 107 5.21 -17.15 -6.08
CA VAL A 107 4.13 -17.27 -7.06
C VAL A 107 3.04 -16.20 -6.89
N GLY A 108 3.17 -15.36 -5.84
CA GLY A 108 2.13 -14.39 -5.48
C GLY A 108 2.36 -13.65 -4.17
N ILE A 109 1.62 -12.51 -4.01
CA ILE A 109 1.36 -11.91 -2.67
C ILE A 109 -0.10 -11.46 -2.47
N VAL A 110 -0.41 -11.18 -1.21
CA VAL A 110 -1.74 -10.86 -0.77
C VAL A 110 -1.60 -9.54 -0.09
N THR A 111 -2.03 -8.54 -0.86
CA THR A 111 -1.92 -7.14 -0.52
C THR A 111 -3.16 -6.70 0.24
N ARG A 112 -3.18 -5.45 0.66
CA ARG A 112 -4.37 -4.87 1.24
C ARG A 112 -5.42 -4.71 0.12
N ALA A 113 -4.94 -4.54 -1.12
CA ALA A 113 -5.81 -4.57 -2.28
C ALA A 113 -6.19 -5.98 -2.72
N SER A 114 -5.85 -7.01 -1.95
CA SER A 114 -6.49 -8.35 -2.06
C SER A 114 -7.73 -8.44 -1.21
N LEU A 115 -7.83 -7.58 -0.19
CA LEU A 115 -9.01 -7.58 0.66
C LEU A 115 -10.21 -6.95 -0.08
N VAL A 116 -9.97 -5.87 -0.81
CA VAL A 116 -11.03 -5.26 -1.56
C VAL A 116 -11.69 -6.34 -2.39
N ASP A 117 -10.88 -7.06 -3.17
CA ASP A 117 -11.35 -8.19 -3.96
C ASP A 117 -12.26 -9.09 -3.13
N ILE A 118 -11.76 -9.50 -1.96
CA ILE A 118 -12.58 -10.31 -1.06
C ILE A 118 -13.88 -9.56 -0.74
N VAL A 119 -13.78 -8.33 -0.29
CA VAL A 119 -14.98 -7.60 0.11
C VAL A 119 -15.93 -7.39 -1.11
N TYR A 120 -15.37 -7.29 -2.31
CA TYR A 120 -16.16 -7.09 -3.53
C TYR A 120 -16.99 -8.33 -3.96
N ASP A 121 -16.33 -9.50 -3.89
CA ASP A 121 -17.02 -10.81 -4.00
C ASP A 121 -18.22 -10.92 -3.03
N SER A 122 -18.03 -10.51 -1.76
CA SER A 122 -19.09 -10.67 -0.72
C SER A 122 -20.31 -9.77 -1.02
N ILE A 123 -20.13 -8.84 -1.97
CA ILE A 123 -21.26 -8.24 -2.65
C ILE A 123 -21.04 -8.28 -4.14
N VAL B 2 13.01 23.89 3.62
CA VAL B 2 13.37 23.51 2.22
C VAL B 2 12.12 23.07 1.39
N THR B 3 12.12 21.80 0.97
CA THR B 3 11.13 21.24 0.03
C THR B 3 9.71 21.04 0.62
N GLN B 4 8.71 21.37 -0.20
CA GLN B 4 7.29 21.23 0.16
C GLN B 4 6.71 19.90 -0.33
N VAL B 5 5.53 19.55 0.18
CA VAL B 5 4.88 18.28 -0.21
C VAL B 5 4.35 18.35 -1.65
N ALA B 6 3.88 19.54 -2.05
CA ALA B 6 3.29 19.71 -3.39
C ALA B 6 4.23 19.23 -4.49
N GLN B 7 5.53 19.43 -4.27
CA GLN B 7 6.56 18.97 -5.21
C GLN B 7 6.45 17.46 -5.49
N ILE B 8 6.58 16.63 -4.45
CA ILE B 8 6.64 15.15 -4.63
C ILE B 8 5.31 14.39 -4.57
N MET B 9 4.25 15.02 -4.05
CA MET B 9 2.97 14.34 -3.91
C MET B 9 2.49 13.76 -5.25
N ASN B 10 1.63 12.75 -5.15
CA ASN B 10 1.02 12.09 -6.31
C ASN B 10 -0.31 12.76 -6.51
N THR B 11 -0.53 13.30 -7.72
CA THR B 11 -1.67 14.17 -8.00
C THR B 11 -2.98 13.42 -8.35
N ASN B 12 -3.03 12.11 -8.17
CA ASN B 12 -4.26 11.34 -8.46
C ASN B 12 -4.78 10.52 -7.27
N PRO B 13 -5.08 11.19 -6.14
CA PRO B 13 -5.72 10.44 -5.04
C PRO B 13 -7.18 10.05 -5.32
N VAL B 14 -7.50 8.78 -5.11
CA VAL B 14 -8.81 8.22 -5.43
C VAL B 14 -9.88 8.73 -4.47
N SER B 15 -10.84 9.51 -4.97
CA SER B 15 -11.98 10.02 -4.15
C SER B 15 -13.33 9.41 -4.57
N ILE B 16 -14.32 9.59 -3.73
CA ILE B 16 -15.70 9.23 -4.04
C ILE B 16 -16.56 10.19 -3.29
N THR B 17 -17.79 10.42 -3.73
CA THR B 17 -18.67 11.26 -2.93
C THR B 17 -19.48 10.39 -1.94
N ALA B 18 -19.95 11.02 -0.86
CA ALA B 18 -20.62 10.29 0.25
C ALA B 18 -22.09 10.04 0.04
N ASP B 19 -22.59 10.31 -1.17
CA ASP B 19 -23.94 9.89 -1.62
C ASP B 19 -23.93 8.52 -2.22
N LYS B 20 -22.74 8.12 -2.70
CA LYS B 20 -22.55 6.84 -3.39
C LYS B 20 -22.58 5.57 -2.47
N SER B 21 -23.13 4.50 -3.01
CA SER B 21 -23.39 3.26 -2.29
C SER B 21 -22.09 2.57 -1.93
N LEU B 22 -22.16 1.57 -1.07
CA LEU B 22 -21.01 0.74 -0.83
C LEU B 22 -20.70 -0.06 -2.10
N GLN B 23 -21.76 -0.49 -2.80
CA GLN B 23 -21.62 -1.25 -4.04
C GLN B 23 -20.70 -0.47 -4.95
N ALA B 24 -20.95 0.84 -5.05
CA ALA B 24 -20.18 1.73 -5.93
C ALA B 24 -18.74 2.03 -5.43
N ALA B 25 -18.60 2.14 -4.10
CA ALA B 25 -17.32 2.46 -3.39
C ALA B 25 -16.31 1.36 -3.51
N ILE B 26 -16.71 0.15 -3.18
CA ILE B 26 -15.82 -0.97 -3.42
C ILE B 26 -15.54 -1.09 -4.90
N THR B 27 -16.52 -0.75 -5.73
CA THR B 27 -16.31 -0.91 -7.18
C THR B 27 -15.05 -0.10 -7.50
N VAL B 28 -15.05 1.19 -7.13
CA VAL B 28 -13.88 2.04 -7.40
C VAL B 28 -12.61 1.43 -6.78
N MET B 29 -12.67 1.10 -5.48
CA MET B 29 -11.53 0.55 -4.72
C MET B 29 -10.82 -0.63 -5.39
N LYS B 30 -11.60 -1.50 -6.03
CA LYS B 30 -11.04 -2.65 -6.71
C LYS B 30 -10.36 -2.22 -8.00
N GLU B 31 -11.08 -1.48 -8.84
CA GLU B 31 -10.53 -0.88 -10.07
C GLU B 31 -9.21 -0.20 -9.80
N LYS B 32 -9.17 0.63 -8.76
CA LYS B 32 -8.08 1.59 -8.55
C LYS B 32 -6.96 1.06 -7.69
N ARG B 33 -7.19 -0.12 -7.10
CA ARG B 33 -6.14 -0.88 -6.40
C ARG B 33 -5.72 -0.19 -5.10
N VAL B 34 -6.73 0.12 -4.29
CA VAL B 34 -6.57 0.87 -3.06
C VAL B 34 -7.46 0.36 -1.91
N ASP B 35 -6.93 0.37 -0.70
CA ASP B 35 -7.70 -0.10 0.45
C ASP B 35 -8.58 0.99 1.09
N THR B 36 -8.52 2.22 0.62
CA THR B 36 -9.42 3.22 1.17
C THR B 36 -9.92 4.08 0.08
N LEU B 37 -10.94 4.87 0.40
CA LEU B 37 -11.39 6.00 -0.42
C LEU B 37 -11.42 7.35 0.34
N LEU B 38 -10.97 8.42 -0.32
CA LEU B 38 -10.97 9.73 0.29
C LEU B 38 -12.26 10.46 -0.08
N VAL B 39 -12.99 10.89 0.93
CA VAL B 39 -14.33 11.42 0.73
C VAL B 39 -14.31 12.95 0.61
N VAL B 40 -15.14 13.41 -0.31
CA VAL B 40 -14.95 14.66 -1.00
C VAL B 40 -16.35 15.11 -1.47
N ASP B 41 -16.66 16.40 -1.31
CA ASP B 41 -17.99 16.92 -1.68
C ASP B 41 -18.01 17.37 -3.12
N GLU B 42 -19.21 17.71 -3.60
CA GLU B 42 -19.46 18.23 -4.94
C GLU B 42 -18.32 19.14 -5.40
N GLY B 43 -17.92 20.10 -4.55
CA GLY B 43 -16.84 21.05 -4.88
C GLY B 43 -15.43 20.57 -4.49
N ASN B 44 -15.33 19.33 -4.07
CA ASN B 44 -14.07 18.65 -3.91
C ASN B 44 -13.31 18.97 -2.64
N VAL B 45 -14.05 19.49 -1.65
CA VAL B 45 -13.50 19.73 -0.33
C VAL B 45 -13.41 18.38 0.38
N LEU B 46 -12.22 18.00 0.81
CA LEU B 46 -11.99 16.73 1.48
C LEU B 46 -12.71 16.67 2.83
N LYS B 47 -13.39 15.54 3.08
CA LYS B 47 -14.35 15.44 4.19
C LYS B 47 -14.07 14.29 5.16
N GLY B 48 -13.55 13.19 4.61
CA GLY B 48 -13.16 12.08 5.45
C GLY B 48 -12.36 11.05 4.68
N PHE B 49 -12.52 9.79 5.11
CA PHE B 49 -12.12 8.62 4.35
C PHE B 49 -13.05 7.41 4.68
N ILE B 50 -13.08 6.41 3.80
CA ILE B 50 -13.67 5.10 4.11
C ILE B 50 -12.68 3.94 3.95
N ASP B 51 -12.79 2.92 4.82
CA ASP B 51 -11.97 1.69 4.82
C ASP B 51 -12.63 0.55 4.05
N VAL B 52 -11.81 -0.39 3.59
CA VAL B 52 -12.30 -1.70 3.10
C VAL B 52 -12.95 -2.53 4.23
N GLU B 53 -12.46 -2.33 5.46
CA GLU B 53 -12.96 -3.04 6.63
C GLU B 53 -14.33 -2.57 7.05
N GLN B 54 -14.49 -1.26 7.03
CA GLN B 54 -15.75 -0.63 7.43
C GLN B 54 -16.81 -0.95 6.42
N ILE B 55 -16.39 -1.11 5.18
CA ILE B 55 -17.31 -1.62 4.18
C ILE B 55 -17.73 -3.02 4.63
N ASP B 56 -16.77 -3.83 5.06
CA ASP B 56 -17.07 -5.20 5.42
C ASP B 56 -17.80 -5.40 6.78
N LEU B 57 -17.54 -4.54 7.76
CA LEU B 57 -18.25 -4.65 9.01
C LEU B 57 -19.72 -4.19 8.91
N ASN B 58 -19.98 -3.13 8.19
CA ASN B 58 -21.30 -2.57 8.11
C ASN B 58 -22.08 -2.78 6.88
N ARG B 59 -21.68 -3.71 6.08
CA ARG B 59 -22.25 -4.06 4.84
C ARG B 59 -23.73 -4.39 4.90
N ARG B 60 -24.18 -5.19 5.85
CA ARG B 60 -25.58 -5.58 5.92
C ARG B 60 -26.53 -4.47 6.19
N THR B 61 -26.12 -3.58 7.04
CA THR B 61 -26.93 -2.47 7.37
C THR B 61 -26.14 -1.23 7.18
N ALA B 62 -25.88 -0.92 5.92
CA ALA B 62 -25.23 0.27 5.41
C ALA B 62 -25.61 0.30 3.99
N THR B 63 -26.07 1.42 3.50
CA THR B 63 -26.47 1.54 2.12
C THR B 63 -25.55 2.45 1.45
N SER B 64 -25.01 3.40 2.19
CA SER B 64 -24.16 4.40 1.61
C SER B 64 -22.92 4.84 2.33
N VAL B 65 -22.09 5.49 1.55
CA VAL B 65 -20.76 5.90 1.99
C VAL B 65 -20.77 6.77 3.25
N MET B 66 -21.71 7.70 3.31
CA MET B 66 -21.86 8.52 4.52
C MET B 66 -22.12 7.70 5.77
N ASP B 67 -22.76 6.55 5.62
CA ASP B 67 -23.22 5.78 6.78
C ASP B 67 -22.06 5.31 7.64
N ILE B 68 -20.87 5.42 7.08
CA ILE B 68 -19.66 4.83 7.62
C ILE B 68 -18.40 5.67 7.49
N ILE B 69 -18.59 6.94 7.34
CA ILE B 69 -17.51 7.84 7.02
C ILE B 69 -16.71 8.20 8.28
N GLU B 70 -15.38 8.24 8.17
CA GLU B 70 -14.53 8.72 9.26
C GLU B 70 -14.04 10.14 8.92
N LYS B 71 -14.57 11.15 9.63
CA LYS B 71 -14.32 12.58 9.29
C LYS B 71 -13.06 13.15 9.89
N ASN B 72 -12.50 12.41 10.84
CA ASN B 72 -11.28 12.81 11.52
C ASN B 72 -10.06 12.25 10.77
N VAL B 73 -9.77 12.86 9.62
CA VAL B 73 -8.60 12.51 8.78
C VAL B 73 -7.45 13.45 9.07
N PHE B 74 -6.24 12.91 9.18
CA PHE B 74 -5.10 13.79 9.14
C PHE B 74 -4.66 14.10 7.73
N TYR B 75 -5.02 15.29 7.29
CA TYR B 75 -4.48 15.85 6.10
C TYR B 75 -3.37 16.82 6.46
N VAL B 76 -2.73 17.35 5.42
CA VAL B 76 -1.66 18.29 5.53
C VAL B 76 -1.79 19.17 4.31
N TYR B 77 -1.64 20.48 4.49
CA TYR B 77 -1.75 21.42 3.36
C TYR B 77 -0.64 21.25 2.34
N GLU B 78 -0.97 21.65 1.12
CA GLU B 78 -0.06 21.66 -0.01
C GLU B 78 1.35 22.12 0.32
N ASP B 79 1.47 23.30 0.92
CA ASP B 79 2.78 23.99 1.10
C ASP B 79 3.44 23.71 2.45
N THR B 80 3.03 22.65 3.10
CA THR B 80 3.71 22.17 4.29
C THR B 80 5.08 21.66 3.88
N LEU B 81 6.03 21.67 4.82
CA LEU B 81 7.33 21.06 4.61
C LEU B 81 7.21 19.54 4.49
N LEU B 82 7.81 18.98 3.46
CA LEU B 82 7.89 17.52 3.28
C LEU B 82 8.35 16.75 4.53
N ARG B 83 9.57 17.07 5.01
CA ARG B 83 10.19 16.39 6.16
C ARG B 83 9.19 15.95 7.23
N ASP B 84 8.25 16.83 7.57
CA ASP B 84 7.24 16.53 8.59
C ASP B 84 6.32 15.41 8.20
N THR B 85 5.76 15.46 6.99
CA THR B 85 4.82 14.42 6.56
C THR B 85 5.51 13.06 6.40
N VAL B 86 6.71 13.08 5.80
CA VAL B 86 7.52 11.88 5.71
C VAL B 86 7.74 11.33 7.11
N GLN B 87 8.19 12.19 8.00
CA GLN B 87 8.50 11.78 9.36
C GLN B 87 7.26 11.09 9.99
N ARG B 88 6.07 11.62 9.71
CA ARG B 88 4.80 11.02 10.20
C ARG B 88 4.55 9.61 9.66
N ILE B 89 4.76 9.43 8.35
CA ILE B 89 4.50 8.15 7.70
C ILE B 89 5.53 7.13 8.14
N LEU B 90 6.81 7.49 8.05
CA LEU B 90 7.92 6.59 8.37
C LEU B 90 7.81 6.04 9.78
N LYS B 91 7.59 6.94 10.74
CA LYS B 91 7.75 6.64 12.16
C LYS B 91 6.45 6.64 12.98
N ARG B 92 5.51 7.52 12.65
CA ARG B 92 4.26 7.65 13.43
C ARG B 92 3.09 6.84 12.81
N GLY B 93 3.42 5.96 11.87
CA GLY B 93 2.53 4.85 11.50
C GLY B 93 1.43 5.12 10.49
N TYR B 94 1.32 6.35 9.99
CA TYR B 94 0.24 6.75 9.06
C TYR B 94 0.42 6.00 7.74
N LYS B 95 -0.68 5.58 7.13
CA LYS B 95 -0.60 4.77 5.91
C LYS B 95 -0.33 5.60 4.63
N TYR B 96 -0.82 6.83 4.62
CA TYR B 96 -0.52 7.82 3.58
C TYR B 96 -1.09 9.13 4.09
N ILE B 97 -0.70 10.25 3.51
CA ILE B 97 -1.19 11.54 4.02
C ILE B 97 -1.74 12.39 2.88
N PRO B 98 -3.07 12.65 2.91
CA PRO B 98 -3.75 13.43 1.86
C PRO B 98 -3.37 14.91 1.88
N VAL B 99 -3.40 15.53 0.71
CA VAL B 99 -2.92 16.90 0.59
C VAL B 99 -3.94 17.81 -0.04
N VAL B 100 -4.13 18.94 0.59
CA VAL B 100 -5.20 19.81 0.22
C VAL B 100 -4.62 21.17 -0.12
N ASP B 101 -5.47 22.08 -0.58
CA ASP B 101 -5.09 23.47 -0.70
C ASP B 101 -5.75 24.28 0.43
N LYS B 102 -5.49 25.58 0.43
CA LYS B 102 -6.00 26.50 1.47
C LYS B 102 -7.52 26.49 1.58
N ASP B 103 -8.20 26.01 0.55
CA ASP B 103 -9.64 25.77 0.62
C ASP B 103 -9.97 24.34 1.01
N LYS B 104 -9.00 23.61 1.54
CA LYS B 104 -9.21 22.20 1.92
C LYS B 104 -9.72 21.38 0.73
N ARG B 105 -9.22 21.68 -0.47
CA ARG B 105 -9.61 20.88 -1.65
C ARG B 105 -8.62 19.72 -1.89
N LEU B 106 -9.14 18.50 -2.18
CA LEU B 106 -8.26 17.35 -2.31
C LEU B 106 -7.44 17.56 -3.52
N VAL B 107 -6.11 17.47 -3.36
CA VAL B 107 -5.15 17.86 -4.39
C VAL B 107 -4.01 16.84 -4.62
N GLY B 108 -3.76 15.95 -3.65
CA GLY B 108 -2.71 14.94 -3.79
C GLY B 108 -2.67 13.97 -2.63
N ILE B 109 -1.82 12.95 -2.72
CA ILE B 109 -1.54 12.00 -1.60
C ILE B 109 -0.05 11.72 -1.54
N VAL B 110 0.48 11.63 -0.33
CA VAL B 110 1.81 11.12 -0.19
C VAL B 110 1.69 9.68 0.30
N THR B 111 1.83 8.75 -0.64
CA THR B 111 1.85 7.33 -0.32
C THR B 111 3.29 6.86 -0.05
N ARG B 112 3.42 5.65 0.48
CA ARG B 112 4.76 5.08 0.75
C ARG B 112 5.62 5.11 -0.51
N ALA B 113 5.01 4.86 -1.67
CA ALA B 113 5.70 5.06 -2.95
C ALA B 113 5.98 6.58 -3.29
N SER B 114 5.56 7.51 -2.44
CA SER B 114 6.16 8.83 -2.49
C SER B 114 7.56 8.78 -1.81
N LEU B 115 7.76 7.91 -0.83
CA LEU B 115 9.08 7.79 -0.18
C LEU B 115 10.11 7.25 -1.20
N VAL B 116 9.68 6.33 -2.07
CA VAL B 116 10.53 5.82 -3.14
C VAL B 116 10.98 6.95 -4.03
N ASP B 117 10.00 7.73 -4.49
CA ASP B 117 10.27 8.83 -5.37
C ASP B 117 11.38 9.61 -4.72
N ILE B 118 11.19 9.92 -3.43
CA ILE B 118 12.15 10.73 -2.69
C ILE B 118 13.52 10.06 -2.58
N VAL B 119 13.55 8.76 -2.27
CA VAL B 119 14.82 8.04 -2.16
C VAL B 119 15.50 7.86 -3.54
N TYR B 120 14.71 7.65 -4.58
CA TYR B 120 15.24 7.52 -5.95
C TYR B 120 15.99 8.79 -6.35
N ASP B 121 15.36 9.94 -6.10
CA ASP B 121 15.96 11.23 -6.43
C ASP B 121 17.31 11.47 -5.75
N SER B 122 17.43 11.04 -4.49
CA SER B 122 18.71 11.21 -3.79
C SER B 122 19.80 10.20 -4.22
N ILE B 123 19.73 9.66 -5.45
CA ILE B 123 20.87 8.97 -6.08
C ILE B 123 21.08 9.34 -7.55
#